data_7QTX
#
_entry.id   7QTX
#
_cell.length_a   59.229
_cell.length_b   48.529
_cell.length_c   57.386
_cell.angle_alpha   90.000
_cell.angle_beta   97.065
_cell.angle_gamma   90.000
#
_symmetry.space_group_name_H-M   'C 1 2 1'
#
loop_
_entity.id
_entity.type
_entity.pdbx_description
1 polymer Bcl-2
2 polymer 'Bcl-2-binding component 3, isoforms 1/2'
3 non-polymer 'BROMIDE ION'
4 non-polymer 1,2-ETHANEDIOL
5 water water
#
loop_
_entity_poly.entity_id
_entity_poly.type
_entity_poly.pdbx_seq_one_letter_code
_entity_poly.pdbx_strand_id
1 'polypeptide(L)'
;GPLGSMDEDVLPGEVLAIEGIFMACGLNEPEYLYHPLLSPIKLYITGLMRDKESLFEAMLANVRFHSTTGINQLGLSMLQ
VSGDGNMNWGRALAILTFGSFVAQKLSNEPHLRDFALAVLPAYAYEAIGPQWFRARGGWRGLKAYCTQVLT
;
A
2 'polypeptide(L)' EEQWAREIGAQLRRMADDLNAQYERR B
#
# COMPACT_ATOMS: atom_id res chain seq x y z
N LEU A 11 -8.35 -13.94 11.13
CA LEU A 11 -7.48 -12.84 10.72
C LEU A 11 -6.40 -12.64 11.78
N PRO A 12 -5.19 -12.22 11.34
CA PRO A 12 -4.03 -12.23 12.23
C PRO A 12 -3.80 -10.98 13.04
N GLY A 13 -4.50 -9.90 12.75
CA GLY A 13 -4.15 -8.60 13.31
C GLY A 13 -3.73 -7.68 12.16
N GLU A 14 -4.15 -6.42 12.25
CA GLU A 14 -4.09 -5.55 11.08
C GLU A 14 -2.64 -5.36 10.61
N VAL A 15 -1.75 -4.94 11.50
CA VAL A 15 -0.37 -4.69 11.10
C VAL A 15 0.27 -5.97 10.56
N LEU A 16 0.00 -7.10 11.20
CA LEU A 16 0.54 -8.37 10.73
C LEU A 16 0.01 -8.70 9.33
N ALA A 17 -1.30 -8.53 9.12
CA ALA A 17 -1.88 -8.83 7.82
C ALA A 17 -1.27 -7.98 6.72
N ILE A 18 -1.00 -6.70 7.02
CA ILE A 18 -0.40 -5.82 6.02
C ILE A 18 0.99 -6.31 5.65
N GLU A 19 1.79 -6.73 6.66
CA GLU A 19 3.10 -7.29 6.36
C GLU A 19 2.97 -8.50 5.43
N GLY A 20 2.00 -9.37 5.70
CA GLY A 20 1.76 -10.49 4.80
C GLY A 20 1.46 -10.02 3.39
N ILE A 21 0.67 -8.95 3.25
CA ILE A 21 0.39 -8.39 1.94
C ILE A 21 1.68 -7.94 1.27
N PHE A 22 2.56 -7.28 2.02
CA PHE A 22 3.85 -6.88 1.46
C PHE A 22 4.67 -8.10 1.07
N MET A 23 4.60 -9.17 1.87
CA MET A 23 5.34 -10.38 1.55
C MET A 23 4.83 -11.03 0.28
N ALA A 24 3.50 -11.16 0.16
CA ALA A 24 2.93 -11.87 -0.98
C ALA A 24 3.02 -11.03 -2.25
N CYS A 25 2.73 -9.73 -2.14
CA CYS A 25 2.67 -8.87 -3.32
C CYS A 25 4.02 -8.24 -3.65
N GLY A 26 4.74 -7.74 -2.66
CA GLY A 26 6.01 -7.09 -2.89
C GLY A 26 7.14 -8.07 -3.12
N LEU A 27 7.28 -9.03 -2.21
CA LEU A 27 8.34 -10.03 -2.29
C LEU A 27 7.97 -11.22 -3.14
N ASN A 28 6.75 -11.26 -3.69
CA ASN A 28 6.30 -12.36 -4.53
C ASN A 28 6.53 -13.71 -3.82
N GLU A 29 6.31 -13.72 -2.51
CA GLU A 29 6.41 -14.94 -1.72
C GLU A 29 5.03 -15.57 -1.59
N PRO A 30 4.71 -16.61 -2.37
CA PRO A 30 3.34 -17.14 -2.37
C PRO A 30 2.93 -17.62 -0.99
N GLU A 31 1.84 -17.06 -0.46
CA GLU A 31 1.27 -17.56 0.78
C GLU A 31 0.89 -19.02 0.61
N TYR A 32 1.14 -19.82 1.65
CA TYR A 32 0.90 -21.25 1.55
C TYR A 32 -0.57 -21.59 1.73
N LEU A 33 -1.26 -20.87 2.61
CA LEU A 33 -2.68 -21.11 2.88
C LEU A 33 -3.52 -19.99 2.29
N TYR A 34 -4.66 -20.36 1.70
CA TYR A 34 -5.58 -19.40 1.14
C TYR A 34 -6.47 -18.83 2.24
N HIS A 35 -6.70 -17.51 2.19
CA HIS A 35 -7.59 -16.85 3.11
C HIS A 35 -8.77 -16.25 2.34
N PRO A 36 -10.00 -16.42 2.80
CA PRO A 36 -11.15 -15.92 2.02
C PRO A 36 -11.05 -14.45 1.67
N LEU A 37 -10.59 -13.61 2.60
CA LEU A 37 -10.53 -12.17 2.38
C LEU A 37 -9.16 -11.71 1.88
N LEU A 38 -8.09 -12.16 2.54
CA LEU A 38 -6.77 -11.59 2.26
C LEU A 38 -6.21 -12.09 0.93
N SER A 39 -6.38 -13.38 0.64
CA SER A 39 -5.83 -13.93 -0.60
C SER A 39 -6.36 -13.22 -1.84
N PRO A 40 -7.66 -12.96 -1.97
CA PRO A 40 -8.10 -12.17 -3.14
C PRO A 40 -7.61 -10.73 -3.11
N ILE A 41 -7.54 -10.12 -1.92
CA ILE A 41 -6.99 -8.77 -1.82
C ILE A 41 -5.56 -8.75 -2.35
N LYS A 42 -4.75 -9.73 -1.93
CA LYS A 42 -3.37 -9.81 -2.41
C LYS A 42 -3.33 -9.98 -3.92
N LEU A 43 -4.25 -10.76 -4.48
CA LEU A 43 -4.31 -10.93 -5.92
C LEU A 43 -4.69 -9.64 -6.63
N TYR A 44 -5.54 -8.83 -6.01
CA TYR A 44 -5.91 -7.54 -6.59
C TYR A 44 -4.74 -6.56 -6.55
N ILE A 45 -4.03 -6.51 -5.43
CA ILE A 45 -2.92 -5.56 -5.29
C ILE A 45 -1.80 -5.90 -6.27
N THR A 46 -1.57 -7.19 -6.53
CA THR A 46 -0.57 -7.57 -7.52
C THR A 46 -0.94 -7.06 -8.90
N GLY A 47 -2.22 -7.19 -9.27
CA GLY A 47 -2.66 -6.65 -10.55
C GLY A 47 -2.50 -5.14 -10.62
N LEU A 48 -2.75 -4.45 -9.51
CA LEU A 48 -2.56 -3.01 -9.48
C LEU A 48 -1.10 -2.64 -9.70
N MET A 49 -0.18 -3.35 -9.05
CA MET A 49 1.24 -3.12 -9.28
C MET A 49 1.58 -3.25 -10.76
N ARG A 50 1.15 -4.36 -11.38
CA ARG A 50 1.42 -4.57 -12.79
C ARG A 50 0.95 -3.40 -13.64
N ASP A 51 -0.34 -3.05 -13.52
CA ASP A 51 -0.93 -2.07 -14.43
C ASP A 51 -0.39 -0.67 -14.18
N LYS A 52 -0.10 -0.32 -12.93
CA LYS A 52 0.35 1.02 -12.56
C LYS A 52 1.83 1.06 -12.24
N GLU A 53 2.62 0.13 -12.80
CA GLU A 53 4.06 0.13 -12.56
C GLU A 53 4.70 1.43 -13.03
N SER A 54 4.29 1.94 -14.18
CA SER A 54 4.88 3.15 -14.71
C SER A 54 4.72 4.32 -13.76
N LEU A 55 3.55 4.44 -13.13
CA LEU A 55 3.31 5.53 -12.19
C LEU A 55 4.15 5.38 -10.94
N PHE A 56 4.25 4.16 -10.41
CA PHE A 56 5.10 3.93 -9.24
C PHE A 56 6.56 4.22 -9.56
N GLU A 57 7.02 3.82 -10.74
CA GLU A 57 8.40 4.12 -11.14
C GLU A 57 8.61 5.62 -11.23
N ALA A 58 7.62 6.36 -11.76
CA ALA A 58 7.73 7.82 -11.83
C ALA A 58 7.89 8.42 -10.44
N MET A 59 7.11 7.94 -9.47
CA MET A 59 7.24 8.42 -8.09
C MET A 59 8.66 8.28 -7.60
N LEU A 60 9.17 7.04 -7.58
CA LEU A 60 10.47 6.73 -7.01
C LEU A 60 11.62 6.94 -7.98
N ALA A 61 11.39 7.64 -9.10
CA ALA A 61 12.42 7.81 -10.10
C ALA A 61 13.68 8.43 -9.50
N ASN A 62 13.57 9.67 -9.01
CA ASN A 62 14.70 10.39 -8.46
C ASN A 62 14.62 10.47 -6.93
N VAL A 63 14.06 9.44 -6.31
CA VAL A 63 13.94 9.35 -4.86
C VAL A 63 14.96 8.32 -4.38
N ARG A 64 15.83 8.74 -3.47
CA ARG A 64 16.85 7.84 -2.92
C ARG A 64 16.32 7.22 -1.63
N PHE A 65 15.67 6.07 -1.78
CA PHE A 65 14.98 5.42 -0.66
C PHE A 65 15.64 4.12 -0.23
N HIS A 66 16.77 3.74 -0.80
CA HIS A 66 17.46 2.49 -0.46
C HIS A 66 18.36 2.72 0.76
N SER A 67 17.70 2.98 1.89
CA SER A 67 18.40 3.23 3.15
C SER A 67 17.37 3.32 4.25
N THR A 68 17.83 3.16 5.50
CA THR A 68 16.93 3.30 6.63
C THR A 68 16.34 4.70 6.70
N THR A 69 17.14 5.72 6.36
CA THR A 69 16.61 7.07 6.26
C THR A 69 15.55 7.17 5.17
N GLY A 70 15.79 6.50 4.03
CA GLY A 70 14.81 6.52 2.96
C GLY A 70 13.53 5.81 3.33
N ILE A 71 13.64 4.68 4.04
CA ILE A 71 12.45 3.96 4.47
C ILE A 71 11.65 4.79 5.45
N ASN A 72 12.31 5.60 6.28
CA ASN A 72 11.59 6.52 7.15
C ASN A 72 10.78 7.53 6.34
N GLN A 73 11.37 8.06 5.26
CA GLN A 73 10.64 9.00 4.42
C GLN A 73 9.52 8.30 3.66
N LEU A 74 9.72 7.05 3.25
CA LEU A 74 8.64 6.29 2.63
C LEU A 74 7.47 6.13 3.59
N GLY A 75 7.75 5.95 4.88
CA GLY A 75 6.68 5.93 5.86
C GLY A 75 5.98 7.27 5.97
N LEU A 76 6.75 8.36 5.95
CA LEU A 76 6.14 9.68 5.93
C LEU A 76 5.28 9.85 4.68
N SER A 77 5.72 9.30 3.55
CA SER A 77 4.94 9.41 2.33
C SER A 77 3.55 8.82 2.50
N MET A 78 3.45 7.67 3.18
CA MET A 78 2.14 7.09 3.45
C MET A 78 1.28 8.02 4.29
N LEU A 79 1.87 8.60 5.34
CA LEU A 79 1.11 9.52 6.20
C LEU A 79 0.67 10.76 5.44
N GLN A 80 1.39 11.15 4.40
CA GLN A 80 1.02 12.32 3.62
C GLN A 80 -0.24 12.10 2.80
N VAL A 81 -0.59 10.84 2.49
CA VAL A 81 -1.79 10.55 1.72
C VAL A 81 -3.02 11.12 2.42
N SER A 82 -3.16 10.82 3.71
CA SER A 82 -4.31 11.23 4.50
C SER A 82 -4.03 12.46 5.35
N GLY A 83 -3.09 13.31 4.93
CA GLY A 83 -2.81 14.52 5.66
C GLY A 83 -3.99 15.48 5.73
N ASP A 84 -4.97 15.33 4.84
CA ASP A 84 -6.18 16.13 4.87
C ASP A 84 -7.27 15.52 5.74
N GLY A 85 -6.98 14.43 6.44
CA GLY A 85 -7.95 13.81 7.32
C GLY A 85 -8.99 12.96 6.65
N ASN A 86 -8.82 12.63 5.37
CA ASN A 86 -9.82 11.88 4.62
C ASN A 86 -9.25 10.55 4.16
N MET A 87 -10.12 9.55 4.08
CA MET A 87 -9.70 8.21 3.68
C MET A 87 -10.83 7.53 2.91
N ASN A 88 -10.43 6.78 1.89
CA ASN A 88 -11.34 5.89 1.17
C ASN A 88 -10.55 4.66 0.77
N TRP A 89 -11.27 3.63 0.33
CA TRP A 89 -10.60 2.39 -0.05
C TRP A 89 -9.67 2.59 -1.26
N GLY A 90 -9.90 3.64 -2.05
CA GLY A 90 -8.96 3.97 -3.11
C GLY A 90 -7.61 4.38 -2.55
N ARG A 91 -7.61 5.32 -1.60
CA ARG A 91 -6.36 5.70 -0.94
C ARG A 91 -5.75 4.52 -0.20
N ALA A 92 -6.58 3.69 0.43
CA ALA A 92 -6.08 2.52 1.14
C ALA A 92 -5.35 1.58 0.20
N LEU A 93 -5.92 1.34 -0.99
CA LEU A 93 -5.26 0.48 -1.96
C LEU A 93 -3.96 1.11 -2.44
N ALA A 94 -3.97 2.41 -2.75
CA ALA A 94 -2.75 3.08 -3.17
C ALA A 94 -1.65 2.93 -2.14
N ILE A 95 -2.00 3.06 -0.86
CA ILE A 95 -1.00 2.92 0.20
C ILE A 95 -0.48 1.49 0.26
N LEU A 96 -1.39 0.51 0.28
CA LEU A 96 -0.97 -0.88 0.40
C LEU A 96 -0.20 -1.34 -0.83
N THR A 97 -0.61 -0.88 -2.01
CA THR A 97 0.11 -1.24 -3.23
C THR A 97 1.46 -0.54 -3.28
N PHE A 98 1.53 0.70 -2.80
CA PHE A 98 2.80 1.42 -2.76
C PHE A 98 3.79 0.73 -1.83
N GLY A 99 3.33 0.32 -0.64
CA GLY A 99 4.21 -0.41 0.26
C GLY A 99 4.71 -1.71 -0.33
N SER A 100 3.84 -2.44 -1.02
CA SER A 100 4.26 -3.66 -1.69
C SER A 100 5.30 -3.37 -2.76
N PHE A 101 5.07 -2.34 -3.57
CA PHE A 101 6.05 -1.96 -4.59
C PHE A 101 7.39 -1.61 -3.95
N VAL A 102 7.36 -0.86 -2.85
CA VAL A 102 8.58 -0.53 -2.12
C VAL A 102 9.30 -1.81 -1.68
N ALA A 103 8.54 -2.76 -1.13
CA ALA A 103 9.13 -4.02 -0.71
C ALA A 103 9.82 -4.72 -1.87
N GLN A 104 9.20 -4.71 -3.05
CA GLN A 104 9.79 -5.37 -4.21
C GLN A 104 11.15 -4.78 -4.56
N LYS A 105 11.28 -3.45 -4.49
CA LYS A 105 12.53 -2.81 -4.87
C LYS A 105 13.63 -2.99 -3.83
N LEU A 106 13.27 -3.41 -2.62
CA LEU A 106 14.25 -3.61 -1.56
C LEU A 106 14.51 -5.08 -1.28
N SER A 107 13.95 -5.99 -2.08
CA SER A 107 14.07 -7.41 -1.78
C SER A 107 15.51 -7.90 -1.90
N ASN A 108 16.28 -7.35 -2.83
CA ASN A 108 17.66 -7.75 -3.02
C ASN A 108 18.61 -7.11 -2.02
N GLU A 109 18.09 -6.43 -1.00
CA GLU A 109 18.89 -5.82 0.06
C GLU A 109 18.32 -6.31 1.38
N PRO A 110 18.77 -7.46 1.88
CA PRO A 110 18.11 -8.08 3.04
C PRO A 110 17.86 -7.14 4.22
N HIS A 111 18.87 -6.39 4.65
CA HIS A 111 18.71 -5.58 5.86
C HIS A 111 17.69 -4.47 5.67
N LEU A 112 17.71 -3.80 4.51
CA LEU A 112 16.74 -2.75 4.24
C LEU A 112 15.34 -3.32 4.11
N ARG A 113 15.20 -4.42 3.35
CA ARG A 113 13.92 -5.11 3.26
C ARG A 113 13.33 -5.36 4.63
N ASP A 114 14.15 -5.84 5.57
CA ASP A 114 13.62 -6.26 6.87
C ASP A 114 13.21 -5.05 7.71
N PHE A 115 13.95 -3.94 7.61
CA PHE A 115 13.52 -2.73 8.29
C PHE A 115 12.21 -2.22 7.71
N ALA A 116 12.05 -2.30 6.38
CA ALA A 116 10.79 -1.92 5.75
C ALA A 116 9.64 -2.78 6.27
N LEU A 117 9.83 -4.10 6.28
CA LEU A 117 8.81 -4.99 6.82
C LEU A 117 8.53 -4.69 8.29
N ALA A 118 9.50 -4.11 8.99
CA ALA A 118 9.35 -3.87 10.42
C ALA A 118 8.51 -2.63 10.73
N VAL A 119 8.53 -1.62 9.86
CA VAL A 119 7.94 -0.32 10.17
C VAL A 119 6.82 0.05 9.21
N LEU A 120 6.93 -0.32 7.94
CA LEU A 120 5.99 0.18 6.94
C LEU A 120 4.58 -0.38 7.12
N PRO A 121 4.42 -1.64 7.57
CA PRO A 121 3.06 -2.11 7.87
C PRO A 121 2.35 -1.25 8.89
N ALA A 122 3.07 -0.77 9.90
CA ALA A 122 2.47 0.13 10.88
C ALA A 122 2.18 1.50 10.27
N TYR A 123 3.01 1.95 9.33
CA TYR A 123 2.77 3.22 8.67
C TYR A 123 1.53 3.15 7.78
N ALA A 124 1.40 2.07 7.01
CA ALA A 124 0.23 1.93 6.15
C ALA A 124 -1.06 1.89 6.97
N TYR A 125 -1.04 1.14 8.08
CA TYR A 125 -2.21 1.06 8.95
C TYR A 125 -2.58 2.43 9.52
N GLU A 126 -1.58 3.13 10.06
CA GLU A 126 -1.85 4.47 10.58
C GLU A 126 -2.32 5.41 9.49
N ALA A 127 -1.70 5.33 8.30
CA ALA A 127 -2.08 6.22 7.20
C ALA A 127 -3.54 6.02 6.82
N ILE A 128 -3.98 4.76 6.71
CA ILE A 128 -5.39 4.51 6.44
C ILE A 128 -6.24 5.08 7.55
N GLY A 129 -5.82 4.90 8.80
CA GLY A 129 -6.61 5.28 9.95
C GLY A 129 -7.23 4.06 10.57
N PRO A 130 -6.69 3.61 11.71
CA PRO A 130 -7.25 2.41 12.35
C PRO A 130 -8.75 2.49 12.58
N GLN A 131 -9.25 3.61 13.09
CA GLN A 131 -10.69 3.72 13.36
C GLN A 131 -11.50 3.73 12.08
N TRP A 132 -11.04 4.44 11.05
CA TRP A 132 -11.72 4.43 9.77
C TRP A 132 -11.77 3.02 9.19
N PHE A 133 -10.63 2.33 9.22
CA PHE A 133 -10.56 0.96 8.73
C PHE A 133 -11.61 0.07 9.38
N ARG A 134 -11.67 0.11 10.72
CA ARG A 134 -12.62 -0.74 11.43
C ARG A 134 -14.06 -0.30 11.20
N ALA A 135 -14.29 1.01 11.13
CA ALA A 135 -15.64 1.55 10.98
C ALA A 135 -16.20 1.41 9.58
N ARG A 136 -15.44 0.82 8.65
CA ARG A 136 -15.87 0.68 7.26
C ARG A 136 -15.80 -0.77 6.78
N GLY A 137 -15.75 -1.72 7.70
CA GLY A 137 -15.78 -3.13 7.34
C GLY A 137 -14.44 -3.84 7.33
N GLY A 138 -13.35 -3.12 7.56
CA GLY A 138 -12.05 -3.76 7.57
C GLY A 138 -11.74 -4.44 6.26
N TRP A 139 -11.14 -5.63 6.33
CA TRP A 139 -10.72 -6.33 5.12
C TRP A 139 -11.91 -6.73 4.26
N ARG A 140 -13.03 -7.09 4.89
CA ARG A 140 -14.25 -7.36 4.12
C ARG A 140 -14.65 -6.15 3.29
N GLY A 141 -14.61 -4.96 3.90
CA GLY A 141 -14.93 -3.75 3.15
C GLY A 141 -13.97 -3.50 2.01
N LEU A 142 -12.69 -3.83 2.21
CA LEU A 142 -11.70 -3.62 1.16
C LEU A 142 -11.92 -4.58 0.00
N LYS A 143 -12.15 -5.86 0.29
CA LYS A 143 -12.39 -6.83 -0.77
C LYS A 143 -13.60 -6.42 -1.59
N ALA A 144 -14.70 -6.08 -0.93
CA ALA A 144 -15.89 -5.63 -1.66
C ALA A 144 -15.57 -4.48 -2.59
N TYR A 145 -14.77 -3.52 -2.11
CA TYR A 145 -14.34 -2.41 -2.97
C TYR A 145 -13.53 -2.92 -4.15
N CYS A 146 -12.68 -3.93 -3.93
CA CYS A 146 -11.83 -4.44 -5.00
C CYS A 146 -12.66 -5.13 -6.07
N THR A 147 -13.60 -6.00 -5.67
CA THR A 147 -14.42 -6.70 -6.65
C THR A 147 -15.23 -5.72 -7.49
N GLN A 148 -15.58 -4.57 -6.93
CA GLN A 148 -16.40 -3.57 -7.61
C GLN A 148 -15.59 -2.65 -8.51
N VAL A 149 -14.30 -2.46 -8.24
CA VAL A 149 -13.48 -1.52 -8.97
C VAL A 149 -12.53 -2.22 -9.93
N LEU A 150 -11.93 -3.34 -9.50
CA LEU A 150 -10.93 -4.03 -10.30
C LEU A 150 -11.53 -5.23 -11.02
N GLU B 2 15.21 18.82 -0.18
CA GLU B 2 15.58 17.42 -0.33
C GLU B 2 14.41 16.50 -0.01
N GLN B 3 13.43 17.01 0.71
CA GLN B 3 12.28 16.20 1.11
C GLN B 3 11.39 15.90 -0.08
N TRP B 4 10.90 14.66 -0.15
CA TRP B 4 10.09 14.23 -1.28
C TRP B 4 8.86 13.45 -0.84
N ALA B 5 8.49 13.48 0.44
CA ALA B 5 7.37 12.68 0.92
C ALA B 5 6.04 13.23 0.44
N ARG B 6 5.89 14.56 0.41
CA ARG B 6 4.61 15.16 0.04
C ARG B 6 4.29 14.94 -1.42
N GLU B 7 5.29 15.06 -2.30
CA GLU B 7 5.05 14.83 -3.73
C GLU B 7 4.57 13.40 -3.97
N ILE B 8 5.15 12.44 -3.26
CA ILE B 8 4.68 11.06 -3.37
C ILE B 8 3.27 10.93 -2.81
N GLY B 9 2.97 11.64 -1.72
CA GLY B 9 1.63 11.62 -1.18
C GLY B 9 0.61 12.12 -2.18
N ALA B 10 0.94 13.20 -2.90
CA ALA B 10 0.01 13.75 -3.88
C ALA B 10 -0.16 12.80 -5.06
N GLN B 11 0.90 12.11 -5.45
CA GLN B 11 0.79 11.15 -6.55
C GLN B 11 -0.01 9.91 -6.14
N LEU B 12 0.08 9.51 -4.88
CA LEU B 12 -0.78 8.43 -4.40
C LEU B 12 -2.23 8.88 -4.33
N ARG B 13 -2.46 10.14 -3.95
CA ARG B 13 -3.81 10.69 -3.99
C ARG B 13 -4.38 10.64 -5.40
N ARG B 14 -3.60 11.09 -6.38
CA ARG B 14 -4.07 11.09 -7.77
C ARG B 14 -4.35 9.68 -8.25
N MET B 15 -3.53 8.71 -7.80
CA MET B 15 -3.79 7.31 -8.16
C MET B 15 -5.09 6.82 -7.52
N ALA B 16 -5.37 7.25 -6.29
CA ALA B 16 -6.61 6.87 -5.65
C ALA B 16 -7.81 7.51 -6.32
N ASP B 17 -7.64 8.73 -6.86
CA ASP B 17 -8.74 9.38 -7.56
C ASP B 17 -9.23 8.54 -8.73
N ASP B 18 -8.30 7.95 -9.48
CA ASP B 18 -8.69 7.15 -10.64
C ASP B 18 -9.43 5.89 -10.21
N LEU B 19 -9.00 5.27 -9.10
CA LEU B 19 -9.72 4.11 -8.60
C LEU B 19 -11.13 4.49 -8.15
N ASN B 20 -11.26 5.64 -7.48
CA ASN B 20 -12.59 6.09 -7.06
C ASN B 20 -13.45 6.46 -8.25
N ALA B 21 -12.84 6.93 -9.34
CA ALA B 21 -13.60 7.20 -10.56
C ALA B 21 -14.21 5.92 -11.12
N GLN B 22 -13.46 4.82 -11.05
CA GLN B 22 -14.01 3.53 -11.46
C GLN B 22 -15.13 3.09 -10.54
N TYR B 23 -15.00 3.34 -9.23
CA TYR B 23 -16.05 2.97 -8.30
C TYR B 23 -17.33 3.73 -8.59
N GLU B 24 -17.22 5.00 -8.99
CA GLU B 24 -18.39 5.83 -9.23
C GLU B 24 -18.97 5.69 -10.63
N ARG B 25 -18.25 5.03 -11.54
CA ARG B 25 -18.74 4.88 -12.91
C ARG B 25 -20.06 4.14 -12.93
N ARG B 26 -21.05 4.73 -13.59
CA ARG B 26 -22.38 4.12 -13.69
C ARG B 26 -22.44 3.15 -14.86
#